data_7YR9
#
_entry.id   7YR9
#
_cell.length_a   32.596
_cell.length_b   98.711
_cell.length_c   51.052
_cell.angle_alpha   90.000
_cell.angle_beta   90.030
_cell.angle_gamma   90.000
#
_symmetry.space_group_name_H-M   'P 1 21 1'
#
loop_
_entity.id
_entity.type
_entity.pdbx_description
1 polymer 'Ubiquinol-cytochrome c reductase iron-sulfur subunit'
2 non-polymer 'ZINC ION'
3 non-polymer 'CHLORIDE ION'
4 non-polymer 'SULFATE ION'
5 non-polymer GLYCEROL
6 water water
#
_entity_poly.entity_id   1
_entity_poly.type   'polypeptide(L)'
_entity_poly.pdbx_seq_one_letter_code
;PVEADISKLEPGALLRVKWRGKPVWLVHRTPEMLAALPSNDPKLVDPNSEVPQQPDYCKNPTRSIKPQYLVAIGICTHLG
CSPTYRPEFGPDDLGADWKGGFFCPCHGSRFDLAARVFKNVPAPTNLVIPKHVYLNDTTILIGEDRGSA
;
_entity_poly.pdbx_strand_id   A,B
#
# COMPACT_ATOMS: atom_id res chain seq x y z
N PRO A 1 -25.12 -5.23 -7.33
CA PRO A 1 -23.81 -5.88 -7.09
C PRO A 1 -22.70 -5.23 -7.91
N VAL A 2 -21.47 -5.41 -7.47
CA VAL A 2 -20.33 -4.83 -8.18
C VAL A 2 -19.45 -5.94 -8.76
N GLU A 3 -18.96 -5.73 -9.96
CA GLU A 3 -18.11 -6.71 -10.61
C GLU A 3 -16.63 -6.39 -10.39
N ALA A 4 -15.84 -7.40 -9.99
CA ALA A 4 -14.41 -7.21 -9.79
C ALA A 4 -13.68 -8.03 -10.84
N ASP A 5 -12.90 -7.37 -11.69
CA ASP A 5 -12.14 -8.04 -12.73
C ASP A 5 -10.76 -8.27 -12.16
N ILE A 6 -10.43 -9.53 -11.88
CA ILE A 6 -9.11 -9.86 -11.31
C ILE A 6 -8.15 -10.48 -12.32
N SER A 7 -8.45 -10.31 -13.61
CA SER A 7 -7.60 -10.87 -14.68
C SER A 7 -6.17 -10.31 -14.66
N LYS A 8 -5.96 -9.13 -14.11
CA LYS A 8 -4.63 -8.55 -14.07
C LYS A 8 -4.04 -8.48 -12.68
N LEU A 9 -4.72 -9.10 -11.72
CA LEU A 9 -4.26 -9.08 -10.33
C LEU A 9 -3.11 -10.05 -10.13
N GLU A 10 -1.90 -9.51 -10.09
CA GLU A 10 -0.70 -10.35 -9.93
C GLU A 10 -0.57 -10.94 -8.53
N PRO A 11 0.26 -11.99 -8.40
CA PRO A 11 0.49 -12.65 -7.12
C PRO A 11 0.88 -11.61 -6.07
N GLY A 12 0.17 -11.63 -4.93
CA GLY A 12 0.46 -10.71 -3.84
C GLY A 12 -0.15 -9.32 -3.93
N ALA A 13 -0.80 -9.00 -5.05
CA ALA A 13 -1.41 -7.69 -5.22
C ALA A 13 -2.83 -7.63 -4.63
N LEU A 14 -3.26 -6.41 -4.32
CA LEU A 14 -4.57 -6.15 -3.74
C LEU A 14 -5.38 -5.19 -4.61
N LEU A 15 -6.61 -5.58 -4.93
CA LEU A 15 -7.55 -4.79 -5.72
C LEU A 15 -8.64 -4.29 -4.77
N ARG A 16 -9.04 -3.03 -4.93
CA ARG A 16 -10.10 -2.46 -4.10
C ARG A 16 -11.28 -2.06 -4.98
N VAL A 17 -12.48 -2.50 -4.62
CA VAL A 17 -13.69 -2.11 -5.34
C VAL A 17 -14.66 -1.61 -4.29
N LYS A 18 -15.48 -0.64 -4.65
CA LYS A 18 -16.44 -0.08 -3.72
C LYS A 18 -17.80 -0.78 -3.89
N TRP A 19 -18.37 -1.20 -2.75
CA TRP A 19 -19.66 -1.87 -2.73
C TRP A 19 -20.46 -1.35 -1.55
N ARG A 20 -21.61 -0.73 -1.83
CA ARG A 20 -22.47 -0.19 -0.79
C ARG A 20 -21.65 0.74 0.10
N GLY A 21 -20.84 1.58 -0.55
CA GLY A 21 -20.03 2.56 0.15
C GLY A 21 -18.89 1.98 0.98
N LYS A 22 -18.66 0.68 0.86
CA LYS A 22 -17.61 0.01 1.61
C LYS A 22 -16.50 -0.50 0.73
N PRO A 23 -15.26 -0.44 1.23
CA PRO A 23 -14.15 -0.93 0.41
C PRO A 23 -14.08 -2.45 0.49
N VAL A 24 -14.04 -3.10 -0.66
CA VAL A 24 -13.97 -4.56 -0.71
C VAL A 24 -12.62 -4.89 -1.33
N TRP A 25 -11.80 -5.63 -0.59
CA TRP A 25 -10.48 -6.02 -1.04
C TRP A 25 -10.48 -7.40 -1.69
N LEU A 26 -9.69 -7.55 -2.73
CA LEU A 26 -9.52 -8.83 -3.40
C LEU A 26 -8.00 -9.00 -3.46
N VAL A 27 -7.49 -9.97 -2.71
CA VAL A 27 -6.06 -10.22 -2.65
C VAL A 27 -5.65 -11.54 -3.30
N HIS A 28 -4.68 -11.45 -4.22
CA HIS A 28 -4.17 -12.63 -4.89
C HIS A 28 -3.09 -13.23 -3.98
N ARG A 29 -3.43 -14.34 -3.34
CA ARG A 29 -2.49 -14.96 -2.42
C ARG A 29 -1.57 -15.95 -3.10
N THR A 30 -0.31 -15.99 -2.65
CA THR A 30 0.70 -16.90 -3.18
C THR A 30 0.71 -18.18 -2.36
N PRO A 31 1.28 -19.28 -2.91
CA PRO A 31 1.31 -20.52 -2.11
C PRO A 31 2.02 -20.31 -0.78
N GLU A 32 2.98 -19.39 -0.75
CA GLU A 32 3.74 -19.11 0.49
C GLU A 32 2.85 -18.46 1.55
N MET A 33 1.98 -17.54 1.12
CA MET A 33 1.06 -16.88 2.04
C MET A 33 0.11 -17.93 2.60
N LEU A 34 -0.38 -18.79 1.72
CA LEU A 34 -1.32 -19.85 2.11
C LEU A 34 -0.69 -20.89 3.04
N ALA A 35 0.56 -21.23 2.79
CA ALA A 35 1.26 -22.21 3.62
C ALA A 35 1.39 -21.77 5.08
N ALA A 36 1.53 -20.46 5.29
CA ALA A 36 1.71 -19.90 6.63
C ALA A 36 0.44 -19.66 7.45
N LEU A 37 -0.73 -19.65 6.80
CA LEU A 37 -1.98 -19.39 7.50
C LEU A 37 -2.30 -20.26 8.72
N PRO A 38 -2.16 -21.59 8.61
CA PRO A 38 -2.46 -22.47 9.75
C PRO A 38 -1.58 -22.22 10.98
N SER A 39 -0.39 -21.67 10.76
CA SER A 39 0.52 -21.39 11.87
C SER A 39 -0.04 -20.26 12.74
N ASN A 40 -0.91 -19.42 12.18
CA ASN A 40 -1.50 -18.33 12.95
C ASN A 40 -2.58 -18.84 13.89
N ASP A 41 -3.22 -19.95 13.55
CA ASP A 41 -4.34 -20.49 14.33
C ASP A 41 -4.29 -20.34 15.85
N PRO A 42 -3.22 -20.82 16.50
CA PRO A 42 -3.14 -20.71 17.96
C PRO A 42 -3.17 -19.28 18.50
N LYS A 43 -2.83 -18.32 17.64
CA LYS A 43 -2.74 -16.92 18.03
C LYS A 43 -3.98 -16.11 17.63
N LEU A 44 -4.91 -16.77 16.94
CA LEU A 44 -6.12 -16.12 16.47
C LEU A 44 -7.33 -16.30 17.40
N VAL A 45 -8.20 -15.29 17.41
CA VAL A 45 -9.40 -15.32 18.23
C VAL A 45 -10.40 -16.35 17.74
N ASP A 46 -10.62 -16.35 16.44
CA ASP A 46 -11.61 -17.20 15.81
C ASP A 46 -11.06 -17.89 14.56
N PRO A 47 -10.05 -18.75 14.73
CA PRO A 47 -9.45 -19.45 13.58
C PRO A 47 -10.41 -20.25 12.70
N ASN A 48 -11.52 -20.73 13.29
CA ASN A 48 -12.48 -21.54 12.53
C ASN A 48 -13.68 -20.76 12.00
N SER A 49 -13.64 -19.44 12.11
CA SER A 49 -14.75 -18.61 11.64
C SER A 49 -16.11 -19.04 12.21
N GLU A 50 -16.15 -19.29 13.51
CA GLU A 50 -17.39 -19.67 14.15
C GLU A 50 -18.33 -18.47 14.23
N VAL A 51 -17.76 -17.27 14.39
CA VAL A 51 -18.60 -16.06 14.43
C VAL A 51 -19.01 -15.88 12.97
N PRO A 52 -20.31 -15.64 12.71
CA PRO A 52 -20.87 -15.45 11.36
C PRO A 52 -20.49 -14.17 10.64
N GLN A 53 -19.19 -14.00 10.39
CA GLN A 53 -18.65 -12.83 9.69
C GLN A 53 -18.47 -13.13 8.20
N GLN A 54 -19.04 -14.24 7.72
CA GLN A 54 -18.90 -14.64 6.32
C GLN A 54 -19.98 -15.62 5.87
N PRO A 55 -20.17 -15.79 4.54
CA PRO A 55 -21.18 -16.72 4.05
C PRO A 55 -20.61 -18.11 4.35
N ASP A 56 -21.47 -19.12 4.44
CA ASP A 56 -20.99 -20.47 4.74
C ASP A 56 -19.93 -21.01 3.79
N TYR A 57 -19.99 -20.61 2.52
CA TYR A 57 -19.02 -21.09 1.55
C TYR A 57 -17.65 -20.46 1.75
N CYS A 58 -17.54 -19.61 2.77
CA CYS A 58 -16.28 -18.97 3.14
C CYS A 58 -15.90 -19.33 4.57
N LYS A 59 -16.66 -20.24 5.19
CA LYS A 59 -16.36 -20.66 6.55
C LYS A 59 -15.36 -21.80 6.41
N ASN A 60 -14.10 -21.46 6.19
CA ASN A 60 -13.05 -22.46 6.03
C ASN A 60 -11.70 -21.85 6.39
N PRO A 61 -10.62 -22.66 6.40
CA PRO A 61 -9.27 -22.17 6.75
C PRO A 61 -8.73 -20.96 6.02
N THR A 62 -9.16 -20.74 4.77
CA THR A 62 -8.66 -19.59 4.02
C THR A 62 -9.77 -18.53 3.87
N ARG A 63 -10.91 -18.79 4.51
CA ARG A 63 -12.11 -17.94 4.49
C ARG A 63 -12.39 -17.42 3.06
N SER A 64 -12.40 -18.34 2.11
CA SER A 64 -12.65 -17.98 0.73
C SER A 64 -13.14 -19.16 -0.11
N ILE A 65 -13.65 -18.85 -1.29
CA ILE A 65 -14.15 -19.85 -2.23
C ILE A 65 -12.99 -20.61 -2.85
N LYS A 66 -11.95 -19.86 -3.25
CA LYS A 66 -10.75 -20.44 -3.85
C LYS A 66 -9.55 -20.04 -2.98
N PRO A 67 -8.52 -20.90 -2.92
CA PRO A 67 -7.40 -20.47 -2.08
C PRO A 67 -6.61 -19.27 -2.62
N GLN A 68 -6.53 -19.12 -3.95
CA GLN A 68 -5.76 -18.04 -4.58
C GLN A 68 -6.24 -16.62 -4.32
N TYR A 69 -7.52 -16.45 -3.97
CA TYR A 69 -8.03 -15.11 -3.73
C TYR A 69 -8.81 -14.93 -2.44
N LEU A 70 -8.46 -13.86 -1.73
CA LEU A 70 -9.18 -13.50 -0.51
C LEU A 70 -10.07 -12.32 -0.92
N VAL A 71 -11.35 -12.41 -0.54
CA VAL A 71 -12.32 -11.34 -0.79
C VAL A 71 -12.87 -10.95 0.58
N ALA A 72 -12.67 -9.70 0.99
CA ALA A 72 -13.13 -9.27 2.30
C ALA A 72 -13.41 -7.77 2.35
N ILE A 73 -14.25 -7.33 3.29
CA ILE A 73 -14.55 -5.91 3.45
C ILE A 73 -13.45 -5.28 4.27
N GLY A 74 -12.74 -4.33 3.65
CA GLY A 74 -11.62 -3.67 4.29
C GLY A 74 -11.89 -2.63 5.36
N ILE A 75 -12.69 -3.02 6.36
CA ILE A 75 -13.06 -2.14 7.45
C ILE A 75 -12.78 -2.86 8.77
N CYS A 76 -11.97 -2.25 9.62
CA CYS A 76 -11.64 -2.85 10.90
C CYS A 76 -12.90 -3.05 11.74
N THR A 77 -12.98 -4.20 12.40
CA THR A 77 -14.14 -4.52 13.25
C THR A 77 -14.10 -3.85 14.61
N HIS A 78 -13.10 -3.01 14.85
CA HIS A 78 -13.04 -2.29 16.11
C HIS A 78 -13.86 -1.01 15.95
N LEU A 79 -13.24 0.01 15.35
CA LEU A 79 -13.92 1.28 15.19
C LEU A 79 -14.10 1.77 13.76
N GLY A 80 -13.91 0.88 12.79
CA GLY A 80 -14.18 1.25 11.40
C GLY A 80 -13.14 1.86 10.49
N CYS A 81 -11.89 1.96 10.93
CA CYS A 81 -10.85 2.51 10.07
C CYS A 81 -10.50 1.45 9.04
N SER A 82 -9.77 1.81 7.99
CA SER A 82 -9.39 0.85 6.97
C SER A 82 -7.96 0.43 7.26
N PRO A 83 -7.74 -0.87 7.54
CA PRO A 83 -6.39 -1.38 7.84
C PRO A 83 -5.43 -1.27 6.68
N THR A 84 -4.14 -1.21 7.00
CA THR A 84 -3.11 -1.13 5.97
C THR A 84 -2.82 -2.57 5.57
N TYR A 85 -2.32 -2.74 4.35
CA TYR A 85 -1.97 -4.05 3.82
C TYR A 85 -0.46 -4.29 4.05
N ARG A 86 -0.14 -5.36 4.77
CA ARG A 86 1.26 -5.69 5.08
C ARG A 86 1.54 -7.16 4.72
N PRO A 87 1.63 -7.46 3.41
CA PRO A 87 1.87 -8.82 2.92
C PRO A 87 3.26 -9.39 3.21
N GLU A 88 4.24 -8.52 3.44
CA GLU A 88 5.62 -8.95 3.70
C GLU A 88 5.78 -9.72 5.01
N PHE A 89 6.63 -10.73 4.99
CA PHE A 89 6.87 -11.53 6.19
C PHE A 89 7.90 -10.90 7.09
N GLY A 90 7.67 -11.02 8.39
CA GLY A 90 8.57 -10.51 9.40
C GLY A 90 9.09 -9.08 9.43
N PRO A 91 8.31 -8.06 9.04
CA PRO A 91 8.88 -6.71 9.11
C PRO A 91 9.21 -6.41 10.57
N ASP A 92 10.21 -5.56 10.82
CA ASP A 92 10.61 -5.24 12.18
C ASP A 92 9.50 -4.72 13.09
N ASP A 93 8.61 -3.90 12.55
CA ASP A 93 7.55 -3.33 13.36
C ASP A 93 6.45 -4.31 13.78
N LEU A 94 6.24 -5.38 13.00
CA LEU A 94 5.20 -6.34 13.33
C LEU A 94 5.71 -7.65 13.92
N GLY A 95 7.03 -7.81 13.96
CA GLY A 95 7.61 -9.01 14.53
C GLY A 95 8.10 -9.98 13.47
N ALA A 96 9.15 -10.73 13.80
CA ALA A 96 9.73 -11.70 12.89
C ALA A 96 8.77 -12.85 12.54
N ASP A 97 7.81 -13.13 13.41
CA ASP A 97 6.87 -14.21 13.14
C ASP A 97 5.66 -13.77 12.31
N TRP A 98 5.66 -12.52 11.85
CA TRP A 98 4.54 -12.01 11.05
C TRP A 98 4.54 -12.72 9.69
N LYS A 99 3.41 -13.33 9.34
CA LYS A 99 3.28 -14.07 8.08
C LYS A 99 2.46 -13.32 7.04
N GLY A 100 2.42 -12.00 7.14
CA GLY A 100 1.65 -11.22 6.21
C GLY A 100 0.23 -11.02 6.71
N GLY A 101 -0.39 -9.92 6.32
CA GLY A 101 -1.75 -9.65 6.77
C GLY A 101 -2.10 -8.18 6.69
N PHE A 102 -2.88 -7.72 7.66
CA PHE A 102 -3.32 -6.34 7.71
C PHE A 102 -3.11 -5.76 9.09
N PHE A 103 -2.82 -4.47 9.15
CA PHE A 103 -2.56 -3.80 10.41
C PHE A 103 -3.32 -2.49 10.44
N CYS A 104 -4.19 -2.33 11.42
CA CYS A 104 -4.96 -1.12 11.51
C CYS A 104 -4.15 -0.04 12.22
N PRO A 105 -3.97 1.11 11.57
CA PRO A 105 -3.22 2.23 12.14
C PRO A 105 -3.91 3.03 13.22
N CYS A 106 -5.18 2.75 13.45
CA CYS A 106 -5.89 3.51 14.47
C CYS A 106 -5.71 2.95 15.90
N HIS A 107 -5.69 1.63 16.05
CA HIS A 107 -5.49 1.05 17.39
C HIS A 107 -4.68 -0.24 17.37
N GLY A 108 -3.99 -0.50 16.28
CA GLY A 108 -3.14 -1.67 16.19
C GLY A 108 -3.72 -3.05 15.98
N SER A 109 -4.97 -3.15 15.59
CA SER A 109 -5.53 -4.48 15.37
C SER A 109 -4.80 -5.17 14.22
N ARG A 110 -4.59 -6.48 14.36
CA ARG A 110 -3.91 -7.27 13.35
C ARG A 110 -4.84 -8.36 12.83
N PHE A 111 -4.78 -8.60 11.53
CA PHE A 111 -5.58 -9.64 10.89
C PHE A 111 -4.64 -10.37 9.95
N ASP A 112 -4.81 -11.67 9.80
CA ASP A 112 -3.92 -12.41 8.90
C ASP A 112 -4.42 -12.39 7.46
N LEU A 113 -3.82 -13.21 6.59
CA LEU A 113 -4.22 -13.20 5.19
C LEU A 113 -5.49 -13.99 4.86
N ALA A 114 -6.25 -14.35 5.90
CA ALA A 114 -7.57 -14.98 5.72
C ALA A 114 -8.50 -13.96 6.40
N ALA A 115 -7.91 -12.80 6.74
CA ALA A 115 -8.60 -11.68 7.39
C ALA A 115 -9.11 -12.06 8.79
N ARG A 116 -8.39 -12.96 9.46
CA ARG A 116 -8.75 -13.41 10.81
C ARG A 116 -8.02 -12.56 11.83
N VAL A 117 -8.75 -12.11 12.84
CA VAL A 117 -8.21 -11.25 13.88
C VAL A 117 -7.35 -11.98 14.92
N PHE A 118 -6.21 -11.39 15.28
CA PHE A 118 -5.34 -11.98 16.28
C PHE A 118 -5.87 -11.68 17.68
N LYS A 119 -5.48 -12.53 18.62
CA LYS A 119 -5.91 -12.36 19.99
C LYS A 119 -5.32 -11.08 20.57
N ASN A 120 -6.00 -10.54 21.57
CA ASN A 120 -5.53 -9.39 22.29
C ASN A 120 -5.27 -8.10 21.53
N VAL A 121 -6.16 -7.78 20.60
CA VAL A 121 -6.06 -6.51 19.87
C VAL A 121 -7.42 -5.89 20.10
N PRO A 122 -7.60 -4.58 19.78
CA PRO A 122 -8.91 -3.97 20.00
C PRO A 122 -10.07 -4.64 19.23
N ALA A 123 -9.86 -4.96 17.95
CA ALA A 123 -10.89 -5.61 17.17
C ALA A 123 -11.19 -6.98 17.79
N PRO A 124 -12.48 -7.32 18.01
CA PRO A 124 -12.81 -8.61 18.60
C PRO A 124 -13.16 -9.73 17.61
N THR A 125 -13.38 -9.38 16.34
CA THR A 125 -13.81 -10.36 15.35
C THR A 125 -13.12 -10.30 13.99
N ASN A 126 -13.24 -11.39 13.24
CA ASN A 126 -12.66 -11.49 11.90
C ASN A 126 -13.33 -10.46 10.99
N LEU A 127 -12.62 -9.97 9.99
CA LEU A 127 -13.21 -9.02 9.06
C LEU A 127 -14.38 -9.68 8.33
N VAL A 128 -15.37 -8.87 8.00
CA VAL A 128 -16.54 -9.35 7.29
C VAL A 128 -16.26 -9.69 5.83
N ILE A 129 -16.79 -10.82 5.38
CA ILE A 129 -16.66 -11.27 4.00
C ILE A 129 -18.05 -11.10 3.40
N PRO A 130 -18.18 -10.36 2.29
CA PRO A 130 -19.49 -10.16 1.67
C PRO A 130 -19.96 -11.36 0.83
N LYS A 131 -21.24 -11.39 0.48
CA LYS A 131 -21.73 -12.43 -0.40
C LYS A 131 -21.05 -12.12 -1.73
N HIS A 132 -20.65 -13.16 -2.45
CA HIS A 132 -20.00 -13.02 -3.76
C HIS A 132 -19.95 -14.36 -4.48
N VAL A 133 -19.69 -14.30 -5.78
CA VAL A 133 -19.64 -15.49 -6.59
C VAL A 133 -18.75 -15.25 -7.82
N TYR A 134 -18.06 -16.29 -8.27
CA TYR A 134 -17.21 -16.18 -9.45
C TYR A 134 -18.11 -16.35 -10.66
N LEU A 135 -18.07 -15.40 -11.58
CA LEU A 135 -18.87 -15.50 -12.79
C LEU A 135 -18.02 -16.37 -13.73
N ASN A 136 -16.72 -16.27 -13.56
CA ASN A 136 -15.72 -17.06 -14.28
C ASN A 136 -14.40 -16.94 -13.53
N ASP A 137 -13.35 -17.53 -14.07
CA ASP A 137 -12.05 -17.53 -13.42
C ASP A 137 -11.44 -16.18 -13.04
N THR A 138 -11.74 -15.14 -13.81
CA THR A 138 -11.16 -13.82 -13.51
C THR A 138 -12.19 -12.74 -13.25
N THR A 139 -13.39 -13.15 -12.86
CA THR A 139 -14.47 -12.19 -12.60
C THR A 139 -15.30 -12.59 -11.40
N ILE A 140 -15.32 -11.72 -10.40
CA ILE A 140 -16.09 -11.97 -9.19
C ILE A 140 -17.19 -10.92 -9.05
N LEU A 141 -18.40 -11.40 -8.78
CA LEU A 141 -19.53 -10.50 -8.59
C LEU A 141 -19.74 -10.40 -7.08
N ILE A 142 -19.61 -9.19 -6.54
CA ILE A 142 -19.77 -8.96 -5.12
C ILE A 142 -21.15 -8.44 -4.76
N GLY A 143 -21.76 -9.05 -3.75
CA GLY A 143 -23.07 -8.60 -3.32
C GLY A 143 -24.16 -9.61 -3.62
N GLU A 144 -23.81 -10.61 -4.42
CA GLU A 144 -24.75 -11.65 -4.81
C GLU A 144 -24.03 -13.00 -4.88
N ASP A 145 -24.76 -14.08 -4.59
CA ASP A 145 -24.21 -15.42 -4.65
C ASP A 145 -25.25 -16.39 -5.22
N ARG A 146 -24.93 -16.95 -6.38
CA ARG A 146 -25.82 -17.90 -7.06
C ARG A 146 -27.23 -17.33 -7.17
N PRO B 1 27.03 6.93 3.90
CA PRO B 1 26.08 8.00 3.50
C PRO B 1 26.70 8.80 2.36
N VAL B 2 25.85 9.50 1.62
CA VAL B 2 26.32 10.30 0.50
C VAL B 2 25.71 11.70 0.57
N GLU B 3 26.49 12.71 0.17
CA GLU B 3 25.97 14.08 0.19
C GLU B 3 25.39 14.44 -1.17
N ALA B 4 24.20 15.03 -1.17
CA ALA B 4 23.54 15.46 -2.40
C ALA B 4 23.58 16.97 -2.42
N ASP B 5 24.18 17.53 -3.45
CA ASP B 5 24.27 18.97 -3.57
C ASP B 5 23.10 19.43 -4.44
N ILE B 6 22.15 20.13 -3.84
CA ILE B 6 20.97 20.61 -4.56
C ILE B 6 21.01 22.10 -4.87
N SER B 7 22.19 22.72 -4.71
CA SER B 7 22.35 24.16 -4.96
C SER B 7 21.95 24.56 -6.38
N LYS B 8 22.03 23.64 -7.34
CA LYS B 8 21.67 23.97 -8.72
C LYS B 8 20.40 23.28 -9.22
N LEU B 9 19.70 22.60 -8.32
CA LEU B 9 18.47 21.90 -8.71
C LEU B 9 17.32 22.89 -8.89
N GLU B 10 17.00 23.17 -10.15
CA GLU B 10 15.95 24.13 -10.46
C GLU B 10 14.54 23.60 -10.18
N PRO B 11 13.54 24.50 -10.13
CA PRO B 11 12.15 24.12 -9.89
C PRO B 11 11.73 23.01 -10.85
N GLY B 12 11.17 21.93 -10.31
CA GLY B 12 10.73 20.82 -11.15
C GLY B 12 11.77 19.81 -11.61
N ALA B 13 13.04 20.07 -11.32
CA ALA B 13 14.10 19.16 -11.74
C ALA B 13 14.32 18.03 -10.73
N LEU B 14 14.90 16.94 -11.23
CA LEU B 14 15.18 15.76 -10.42
C LEU B 14 16.66 15.40 -10.48
N LEU B 15 17.26 15.22 -9.31
CA LEU B 15 18.66 14.85 -9.16
C LEU B 15 18.69 13.39 -8.70
N ARG B 16 19.61 12.61 -9.27
CA ARG B 16 19.77 11.21 -8.89
C ARG B 16 21.14 11.00 -8.27
N VAL B 17 21.17 10.42 -7.07
CA VAL B 17 22.45 10.11 -6.42
C VAL B 17 22.37 8.65 -6.04
N LYS B 18 23.49 7.95 -6.09
CA LYS B 18 23.49 6.54 -5.77
C LYS B 18 23.89 6.31 -4.31
N TRP B 19 23.06 5.53 -3.61
CA TRP B 19 23.30 5.18 -2.22
C TRP B 19 23.00 3.69 -2.03
N ARG B 20 24.00 2.95 -1.52
CA ARG B 20 23.89 1.51 -1.30
C ARG B 20 23.40 0.83 -2.56
N GLY B 21 23.93 1.30 -3.70
CA GLY B 21 23.59 0.74 -4.99
C GLY B 21 22.20 1.05 -5.48
N LYS B 22 21.50 1.92 -4.76
CA LYS B 22 20.13 2.28 -5.13
C LYS B 22 20.04 3.71 -5.58
N PRO B 23 19.16 4.00 -6.54
CA PRO B 23 19.02 5.38 -6.99
C PRO B 23 18.15 6.15 -6.01
N VAL B 24 18.64 7.29 -5.55
CA VAL B 24 17.87 8.13 -4.62
C VAL B 24 17.56 9.41 -5.37
N TRP B 25 16.28 9.70 -5.50
CA TRP B 25 15.86 10.90 -6.20
C TRP B 25 15.67 12.09 -5.26
N LEU B 26 16.02 13.28 -5.74
CA LEU B 26 15.79 14.50 -5.00
C LEU B 26 15.06 15.40 -6.00
N VAL B 27 13.81 15.72 -5.68
CA VAL B 27 12.98 16.54 -6.58
C VAL B 27 12.62 17.89 -5.99
N HIS B 28 12.90 18.94 -6.76
CA HIS B 28 12.57 20.29 -6.35
C HIS B 28 11.12 20.55 -6.77
N ARG B 29 10.22 20.55 -5.80
CA ARG B 29 8.82 20.75 -6.09
C ARG B 29 8.40 22.20 -6.05
N THR B 30 7.53 22.57 -6.99
CA THR B 30 6.99 23.92 -7.10
C THR B 30 5.73 24.05 -6.25
N PRO B 31 5.28 25.29 -5.97
CA PRO B 31 4.06 25.43 -5.16
C PRO B 31 2.87 24.75 -5.82
N GLU B 32 2.85 24.73 -7.15
CA GLU B 32 1.76 24.12 -7.92
C GLU B 32 1.72 22.61 -7.70
N MET B 33 2.89 21.99 -7.67
CA MET B 33 3.00 20.55 -7.41
C MET B 33 2.49 20.28 -5.99
N LEU B 34 2.91 21.11 -5.05
CA LEU B 34 2.51 20.95 -3.66
C LEU B 34 1.01 21.17 -3.44
N ALA B 35 0.46 22.16 -4.11
CA ALA B 35 -0.97 22.48 -4.00
C ALA B 35 -1.87 21.31 -4.41
N ALA B 36 -1.44 20.54 -5.42
CA ALA B 36 -2.22 19.42 -5.93
C ALA B 36 -2.16 18.12 -5.13
N LEU B 37 -1.11 17.96 -4.32
CA LEU B 37 -0.93 16.72 -3.56
C LEU B 37 -2.13 16.22 -2.73
N PRO B 38 -2.74 17.09 -1.89
CA PRO B 38 -3.87 16.55 -1.13
C PRO B 38 -5.07 16.12 -1.94
N SER B 39 -5.19 16.60 -3.18
CA SER B 39 -6.31 16.17 -4.01
C SER B 39 -6.12 14.71 -4.42
N ASN B 40 -4.92 14.18 -4.26
CA ASN B 40 -4.65 12.77 -4.59
C ASN B 40 -5.11 11.85 -3.48
N ASP B 41 -5.15 12.35 -2.24
CA ASP B 41 -5.50 11.53 -1.06
C ASP B 41 -6.58 10.46 -1.23
N PRO B 42 -7.77 10.84 -1.73
CA PRO B 42 -8.83 9.86 -1.89
C PRO B 42 -8.50 8.69 -2.83
N LYS B 43 -7.56 8.92 -3.74
CA LYS B 43 -7.18 7.91 -4.72
C LYS B 43 -5.92 7.15 -4.36
N LEU B 44 -5.33 7.49 -3.22
CA LEU B 44 -4.10 6.86 -2.75
C LEU B 44 -4.34 5.73 -1.73
N VAL B 45 -3.48 4.72 -1.78
CA VAL B 45 -3.59 3.57 -0.88
C VAL B 45 -3.27 3.96 0.57
N ASP B 46 -2.20 4.71 0.72
CA ASP B 46 -1.71 5.10 2.04
C ASP B 46 -1.38 6.60 2.10
N PRO B 47 -2.39 7.46 1.96
CA PRO B 47 -2.17 8.91 2.00
C PRO B 47 -1.50 9.49 3.24
N ASN B 48 -1.64 8.82 4.38
CA ASN B 48 -1.07 9.31 5.62
C ASN B 48 0.23 8.64 6.02
N SER B 49 0.81 7.87 5.11
CA SER B 49 2.06 7.19 5.38
C SER B 49 2.03 6.32 6.65
N GLU B 50 0.96 5.56 6.84
CA GLU B 50 0.87 4.70 8.00
C GLU B 50 1.84 3.52 7.85
N VAL B 51 2.07 3.07 6.63
CA VAL B 51 3.03 1.98 6.44
C VAL B 51 4.41 2.63 6.68
N PRO B 52 5.27 1.98 7.47
CA PRO B 52 6.62 2.49 7.80
C PRO B 52 7.62 2.48 6.66
N GLN B 53 7.31 3.18 5.58
CA GLN B 53 8.19 3.29 4.40
C GLN B 53 9.04 4.57 4.47
N GLN B 54 9.12 5.20 5.64
CA GLN B 54 9.90 6.43 5.79
C GLN B 54 10.21 6.73 7.26
N PRO B 55 11.19 7.62 7.51
CA PRO B 55 11.54 7.98 8.88
C PRO B 55 10.36 8.78 9.39
N ASP B 56 10.16 8.86 10.70
CA ASP B 56 9.02 9.61 11.23
C ASP B 56 8.98 11.07 10.81
N TYR B 57 10.15 11.68 10.61
CA TYR B 57 10.20 13.08 10.23
C TYR B 57 9.75 13.31 8.79
N CYS B 58 9.37 12.22 8.12
CA CYS B 58 8.85 12.28 6.77
C CYS B 58 7.45 11.68 6.74
N LYS B 59 6.91 11.37 7.92
CA LYS B 59 5.55 10.83 7.97
C LYS B 59 4.63 12.03 8.05
N ASN B 60 4.35 12.60 6.88
CA ASN B 60 3.51 13.78 6.78
C ASN B 60 2.97 13.90 5.35
N PRO B 61 2.07 14.88 5.09
CA PRO B 61 1.47 15.08 3.77
C PRO B 61 2.38 15.19 2.55
N THR B 62 3.59 15.71 2.71
CA THR B 62 4.51 15.83 1.59
C THR B 62 5.62 14.77 1.68
N ARG B 63 5.54 13.93 2.71
CA ARG B 63 6.51 12.88 3.01
C ARG B 63 7.95 13.42 2.88
N SER B 64 8.19 14.56 3.50
CA SER B 64 9.50 15.19 3.44
C SER B 64 9.75 16.14 4.59
N ILE B 65 11.02 16.49 4.77
CA ILE B 65 11.47 17.40 5.81
C ILE B 65 11.03 18.83 5.45
N LYS B 66 11.26 19.21 4.19
CA LYS B 66 10.89 20.54 3.70
C LYS B 66 9.90 20.36 2.55
N PRO B 67 8.95 21.30 2.38
CA PRO B 67 8.04 21.07 1.26
C PRO B 67 8.67 21.18 -0.12
N GLN B 68 9.71 22.00 -0.26
CA GLN B 68 10.36 22.22 -1.58
C GLN B 68 11.09 21.02 -2.15
N TYR B 69 11.46 20.06 -1.32
CA TYR B 69 12.20 18.92 -1.84
C TYR B 69 11.69 17.56 -1.41
N LEU B 70 11.57 16.68 -2.38
CA LEU B 70 11.17 15.31 -2.12
C LEU B 70 12.44 14.47 -2.25
N VAL B 71 12.71 13.65 -1.23
CA VAL B 71 13.85 12.77 -1.24
C VAL B 71 13.29 11.35 -1.11
N ALA B 72 13.52 10.51 -2.12
CA ALA B 72 12.99 9.16 -2.09
C ALA B 72 13.84 8.18 -2.89
N ILE B 73 13.73 6.89 -2.56
CA ILE B 73 14.45 5.83 -3.27
C ILE B 73 13.66 5.50 -4.52
N GLY B 74 14.26 5.75 -5.68
CA GLY B 74 13.60 5.52 -6.95
C GLY B 74 13.44 4.10 -7.44
N ILE B 75 12.90 3.24 -6.57
CA ILE B 75 12.69 1.84 -6.90
C ILE B 75 11.23 1.47 -6.63
N CYS B 76 10.52 1.01 -7.65
CA CYS B 76 9.14 0.61 -7.49
C CYS B 76 8.98 -0.50 -6.46
N THR B 77 7.97 -0.36 -5.60
CA THR B 77 7.70 -1.32 -4.55
C THR B 77 6.98 -2.57 -5.04
N HIS B 78 6.82 -2.70 -6.36
CA HIS B 78 6.21 -3.89 -6.90
C HIS B 78 7.34 -4.88 -7.19
N LEU B 79 7.98 -4.76 -8.34
CA LEU B 79 9.03 -5.69 -8.70
C LEU B 79 10.41 -5.09 -8.87
N GLY B 80 10.61 -3.87 -8.35
CA GLY B 80 11.94 -3.28 -8.38
C GLY B 80 12.46 -2.48 -9.55
N CYS B 81 11.61 -2.20 -10.54
CA CYS B 81 12.04 -1.39 -11.68
C CYS B 81 12.14 0.07 -11.23
N SER B 82 12.73 0.91 -12.06
CA SER B 82 12.87 2.32 -11.72
C SER B 82 11.76 3.08 -12.46
N PRO B 83 10.83 3.73 -11.72
CA PRO B 83 9.75 4.47 -12.38
C PRO B 83 10.25 5.69 -13.15
N THR B 84 9.49 6.09 -14.18
CA THR B 84 9.84 7.26 -14.97
C THR B 84 9.29 8.45 -14.21
N TYR B 85 9.89 9.62 -14.45
CA TYR B 85 9.48 10.88 -13.83
C TYR B 85 8.52 11.61 -14.78
N ARG B 86 7.29 11.84 -14.32
CA ARG B 86 6.25 12.50 -15.12
C ARG B 86 5.65 13.67 -14.34
N PRO B 87 6.42 14.78 -14.21
CA PRO B 87 6.01 15.99 -13.48
C PRO B 87 4.90 16.83 -14.12
N GLU B 88 4.72 16.69 -15.43
CA GLU B 88 3.70 17.46 -16.16
C GLU B 88 2.29 17.06 -15.76
N PHE B 89 1.40 18.05 -15.70
CA PHE B 89 0.00 17.79 -15.33
C PHE B 89 -0.84 17.37 -16.52
N GLY B 90 -1.77 16.46 -16.28
CA GLY B 90 -2.69 16.01 -17.30
C GLY B 90 -2.23 15.43 -18.64
N PRO B 91 -1.09 14.71 -18.72
CA PRO B 91 -0.70 14.17 -20.03
C PRO B 91 -1.77 13.18 -20.48
N ASP B 92 -2.00 13.08 -21.79
CA ASP B 92 -3.02 12.18 -22.33
C ASP B 92 -2.93 10.73 -21.89
N ASP B 93 -1.72 10.19 -21.84
CA ASP B 93 -1.56 8.79 -21.46
C ASP B 93 -1.88 8.52 -19.99
N LEU B 94 -1.68 9.50 -19.12
CA LEU B 94 -1.93 9.32 -17.69
C LEU B 94 -3.27 9.84 -17.21
N GLY B 95 -3.94 10.63 -18.04
CA GLY B 95 -5.24 11.16 -17.68
C GLY B 95 -5.17 12.64 -17.36
N ALA B 96 -6.26 13.34 -17.66
CA ALA B 96 -6.36 14.79 -17.43
C ALA B 96 -6.25 15.18 -15.95
N ASP B 97 -6.57 14.27 -15.05
CA ASP B 97 -6.51 14.58 -13.64
C ASP B 97 -5.14 14.29 -13.02
N TRP B 98 -4.16 13.90 -13.83
CA TRP B 98 -2.82 13.59 -13.33
C TRP B 98 -2.16 14.89 -12.83
N LYS B 99 -1.71 14.87 -11.57
CA LYS B 99 -1.09 16.03 -10.94
C LYS B 99 0.43 15.95 -10.86
N GLY B 100 1.04 15.15 -11.73
CA GLY B 100 2.48 14.98 -11.69
C GLY B 100 2.84 13.80 -10.79
N GLY B 101 3.98 13.17 -11.04
CA GLY B 101 4.37 12.04 -10.23
C GLY B 101 5.30 11.11 -10.96
N PHE B 102 5.19 9.81 -10.67
CA PHE B 102 6.04 8.81 -11.27
C PHE B 102 5.22 7.67 -11.84
N PHE B 103 5.69 7.08 -12.93
CA PHE B 103 4.96 6.02 -13.60
C PHE B 103 5.92 4.90 -13.92
N CYS B 104 5.64 3.72 -13.39
CA CYS B 104 6.51 2.60 -13.65
C CYS B 104 6.14 1.91 -14.94
N PRO B 105 7.11 1.82 -15.88
CA PRO B 105 6.90 1.20 -17.18
C PRO B 105 6.81 -0.32 -17.20
N CYS B 106 7.13 -0.96 -16.07
CA CYS B 106 7.07 -2.41 -16.06
C CYS B 106 5.68 -2.99 -15.82
N HIS B 107 4.87 -2.34 -15.00
CA HIS B 107 3.52 -2.84 -14.74
C HIS B 107 2.51 -1.72 -14.50
N GLY B 108 2.91 -0.48 -14.78
CA GLY B 108 2.00 0.64 -14.65
C GLY B 108 1.71 1.23 -13.29
N SER B 109 2.52 0.92 -12.29
CA SER B 109 2.25 1.50 -11.00
C SER B 109 2.44 3.02 -11.07
N ARG B 110 1.59 3.75 -10.33
CA ARG B 110 1.65 5.20 -10.30
C ARG B 110 1.88 5.70 -8.90
N PHE B 111 2.70 6.73 -8.76
CA PHE B 111 3.00 7.33 -7.47
C PHE B 111 2.90 8.84 -7.67
N ASP B 112 2.46 9.57 -6.66
CA ASP B 112 2.33 11.03 -6.83
C ASP B 112 3.63 11.73 -6.46
N LEU B 113 3.59 13.06 -6.29
CA LEU B 113 4.82 13.77 -5.98
C LEU B 113 5.29 13.77 -4.52
N ALA B 114 4.69 12.89 -3.71
CA ALA B 114 5.16 12.67 -2.33
C ALA B 114 5.56 11.20 -2.36
N ALA B 115 5.63 10.65 -3.58
CA ALA B 115 5.99 9.27 -3.83
C ALA B 115 5.00 8.28 -3.22
N ARG B 116 3.72 8.67 -3.15
CA ARG B 116 2.68 7.81 -2.57
C ARG B 116 2.00 7.06 -3.69
N VAL B 117 1.79 5.75 -3.47
CA VAL B 117 1.19 4.88 -4.48
C VAL B 117 -0.34 5.01 -4.60
N PHE B 118 -0.84 5.01 -5.83
CA PHE B 118 -2.27 5.07 -6.07
C PHE B 118 -2.91 3.72 -5.89
N LYS B 119 -4.21 3.74 -5.62
CA LYS B 119 -4.98 2.52 -5.42
C LYS B 119 -5.00 1.72 -6.72
N ASN B 120 -5.15 0.43 -6.57
CA ASN B 120 -5.28 -0.49 -7.69
C ASN B 120 -4.22 -0.54 -8.77
N VAL B 121 -2.95 -0.53 -8.36
CA VAL B 121 -1.85 -0.68 -9.31
C VAL B 121 -1.09 -1.85 -8.67
N PRO B 122 -0.13 -2.47 -9.38
CA PRO B 122 0.60 -3.59 -8.79
C PRO B 122 1.36 -3.29 -7.49
N ALA B 123 2.06 -2.15 -7.44
CA ALA B 123 2.79 -1.78 -6.23
C ALA B 123 1.78 -1.56 -5.09
N PRO B 124 2.00 -2.21 -3.92
CA PRO B 124 1.06 -2.05 -2.80
C PRO B 124 1.38 -0.95 -1.78
N THR B 125 2.60 -0.39 -1.86
CA THR B 125 3.02 0.59 -0.88
C THR B 125 3.75 1.80 -1.45
N ASN B 126 3.84 2.86 -0.62
CA ASN B 126 4.52 4.10 -0.99
C ASN B 126 6.00 3.83 -1.18
N LEU B 127 6.65 4.58 -2.06
CA LEU B 127 8.09 4.39 -2.27
C LEU B 127 8.83 4.67 -0.95
N VAL B 128 9.93 3.96 -0.74
CA VAL B 128 10.73 4.11 0.45
C VAL B 128 11.49 5.42 0.48
N ILE B 129 11.53 6.04 1.65
CA ILE B 129 12.25 7.29 1.87
C ILE B 129 13.40 6.92 2.80
N PRO B 130 14.66 7.18 2.39
CA PRO B 130 15.81 6.85 3.22
C PRO B 130 16.01 7.83 4.37
N LYS B 131 16.78 7.42 5.38
CA LYS B 131 17.10 8.33 6.47
C LYS B 131 17.96 9.38 5.77
N HIS B 132 17.79 10.64 6.18
CA HIS B 132 18.54 11.76 5.63
C HIS B 132 18.38 13.02 6.48
N VAL B 133 19.26 13.98 6.26
CA VAL B 133 19.25 15.22 7.03
C VAL B 133 19.93 16.33 6.25
N TYR B 134 19.47 17.56 6.44
CA TYR B 134 20.07 18.68 5.74
C TYR B 134 21.28 19.11 6.52
N LEU B 135 22.42 19.26 5.85
CA LEU B 135 23.66 19.71 6.49
C LEU B 135 23.61 21.23 6.45
N ASN B 136 22.90 21.73 5.45
CA ASN B 136 22.65 23.16 5.25
C ASN B 136 21.57 23.26 4.21
N ASP B 137 21.22 24.48 3.80
CA ASP B 137 20.14 24.66 2.84
C ASP B 137 20.32 24.02 1.46
N THR B 138 21.54 23.83 1.01
CA THR B 138 21.76 23.23 -0.31
C THR B 138 22.48 21.89 -0.27
N THR B 139 22.52 21.25 0.89
CA THR B 139 23.22 19.98 0.99
C THR B 139 22.48 19.00 1.87
N ILE B 140 22.13 17.86 1.29
CA ILE B 140 21.41 16.81 2.03
C ILE B 140 22.27 15.56 2.15
N LEU B 141 22.39 15.08 3.39
CA LEU B 141 23.14 13.87 3.65
C LEU B 141 22.13 12.72 3.58
N ILE B 142 22.40 11.77 2.69
CA ILE B 142 21.53 10.62 2.48
C ILE B 142 22.09 9.36 3.10
N GLY B 143 21.25 8.64 3.85
CA GLY B 143 21.71 7.40 4.45
C GLY B 143 21.80 7.45 5.95
N GLU B 144 21.83 8.67 6.49
CA GLU B 144 21.90 8.86 7.93
C GLU B 144 21.25 10.18 8.34
N ASP B 145 20.95 10.29 9.63
CA ASP B 145 20.33 11.49 10.17
C ASP B 145 20.86 11.81 11.57
N ARG B 146 20.04 12.51 12.36
CA ARG B 146 20.38 12.90 13.71
C ARG B 146 21.36 14.07 13.71
#